data_2EFS
#
_entry.id   2EFS
#
_cell.length_a   43.199
_cell.length_b   63.723
_cell.length_c   73.258
_cell.angle_alpha   66.64
_cell.angle_beta   89.99
_cell.angle_gamma   90.30
#
_symmetry.space_group_name_H-M   'P 1'
#
loop_
_entity.id
_entity.type
_entity.pdbx_description
1 polymer 'General control protein GCN4 and Tropomyosin 1 alpha chain'
2 water water
#
_entity_poly.entity_id   1
_entity_poly.type   'polypeptide(L)'
_entity_poly.pdbx_seq_one_letter_code
;RMKQLEDKVEELLSKNYHLENEVARLKKLLERAEERAELSEGKSAELEEELKTVTNNLKSLEAQAEKYSQKEDKYEEEIK
VLSDKLKEAETRAEFAERSVTKLEKSIDDLEDELYAQKLKYKAISEEMKQLEDKVEELLSKNYHLENEVARLKKL
;
_entity_poly.pdbx_strand_id   A,B,C,D
#
# COMPACT_ATOMS: atom_id res chain seq x y z
N MET A 2 73.70 48.47 -83.67
CA MET A 2 73.24 48.90 -82.32
C MET A 2 71.80 49.44 -82.34
N LYS A 3 71.38 50.01 -83.47
CA LYS A 3 70.04 50.54 -83.60
C LYS A 3 69.07 49.39 -83.32
N GLN A 4 69.56 48.17 -83.49
CA GLN A 4 68.79 46.96 -83.25
C GLN A 4 68.81 46.63 -81.76
N LEU A 5 69.96 46.87 -81.13
CA LEU A 5 70.12 46.62 -79.70
C LEU A 5 69.29 47.62 -78.90
N GLU A 6 69.24 48.86 -79.38
CA GLU A 6 68.48 49.91 -78.71
C GLU A 6 67.00 49.55 -78.76
N ASP A 7 66.60 48.86 -79.83
CA ASP A 7 65.22 48.42 -79.99
C ASP A 7 64.92 47.22 -79.09
N LYS A 8 65.98 46.50 -78.72
CA LYS A 8 65.87 45.34 -77.84
C LYS A 8 65.49 45.84 -76.44
N VAL A 9 66.20 46.85 -75.98
CA VAL A 9 65.91 47.44 -74.69
C VAL A 9 64.43 47.87 -74.67
N GLU A 10 63.94 48.39 -75.79
CA GLU A 10 62.55 48.83 -75.89
C GLU A 10 61.60 47.64 -75.72
N GLU A 11 62.04 46.46 -76.14
CA GLU A 11 61.21 45.26 -76.03
C GLU A 11 61.22 44.67 -74.62
N LEU A 12 62.42 44.45 -74.09
CA LEU A 12 62.54 43.91 -72.74
C LEU A 12 61.71 44.76 -71.81
N LEU A 13 61.77 46.08 -71.98
CA LEU A 13 61.01 46.99 -71.13
C LEU A 13 59.51 46.71 -71.22
N SER A 14 59.05 46.40 -72.42
CA SER A 14 57.63 46.11 -72.66
C SER A 14 57.27 44.73 -72.16
N LYS A 15 58.10 43.75 -72.51
CA LYS A 15 57.90 42.38 -72.09
C LYS A 15 57.96 42.26 -70.56
N ASN A 16 58.74 43.12 -69.93
CA ASN A 16 58.89 43.12 -68.48
C ASN A 16 57.62 43.79 -67.95
N TYR A 17 57.12 44.76 -68.69
CA TYR A 17 55.89 45.46 -68.30
C TYR A 17 54.76 44.44 -68.29
N HIS A 18 54.81 43.52 -69.24
CA HIS A 18 53.81 42.47 -69.33
C HIS A 18 53.92 41.52 -68.14
N LEU A 19 55.13 41.01 -67.90
CA LEU A 19 55.35 40.09 -66.77
C LEU A 19 54.83 40.73 -65.49
N GLU A 20 55.10 42.01 -65.31
CA GLU A 20 54.63 42.73 -64.14
C GLU A 20 53.10 42.67 -64.05
N ASN A 21 52.43 42.87 -65.18
CA ASN A 21 50.96 42.84 -65.20
C ASN A 21 50.47 41.45 -64.90
N GLU A 22 51.17 40.45 -65.43
CA GLU A 22 50.80 39.07 -65.16
C GLU A 22 50.96 38.80 -63.66
N VAL A 23 52.05 39.27 -63.06
CA VAL A 23 52.27 39.06 -61.63
C VAL A 23 51.12 39.68 -60.85
N ALA A 24 50.74 40.91 -61.20
CA ALA A 24 49.66 41.57 -60.46
C ALA A 24 48.34 40.80 -60.62
N ARG A 25 48.06 40.31 -61.83
CA ARG A 25 46.84 39.52 -62.06
C ARG A 25 46.86 38.24 -61.21
N LEU A 26 47.97 37.52 -61.24
CA LEU A 26 48.07 36.28 -60.45
C LEU A 26 47.85 36.57 -58.96
N LYS A 27 48.38 37.69 -58.48
CA LYS A 27 48.20 38.06 -57.07
C LYS A 27 46.74 38.35 -56.74
N LYS A 28 46.01 38.96 -57.67
CA LYS A 28 44.60 39.27 -57.42
C LYS A 28 43.80 37.96 -57.39
N LEU A 29 44.06 37.07 -58.35
CA LEU A 29 43.35 35.79 -58.40
C LEU A 29 43.67 34.96 -57.14
N LEU A 30 44.93 35.01 -56.72
CA LEU A 30 45.37 34.29 -55.53
C LEU A 30 44.57 34.78 -54.32
N GLU A 31 44.48 36.09 -54.17
CA GLU A 31 43.73 36.65 -53.07
C GLU A 31 42.26 36.23 -53.15
N ARG A 32 41.69 36.18 -54.35
CA ARG A 32 40.28 35.78 -54.47
C ARG A 32 40.06 34.33 -54.01
N ALA A 33 40.99 33.45 -54.37
CA ALA A 33 40.95 32.02 -53.99
C ALA A 33 41.07 31.92 -52.46
N GLU A 34 42.04 32.62 -51.89
CA GLU A 34 42.21 32.64 -50.44
C GLU A 34 40.95 33.12 -49.73
N GLU A 35 40.34 34.20 -50.21
CA GLU A 35 39.11 34.70 -49.57
C GLU A 35 37.95 33.70 -49.73
N ARG A 36 37.87 33.03 -50.87
CA ARG A 36 36.85 31.99 -51.07
C ARG A 36 37.00 30.90 -49.98
N ALA A 37 38.21 30.35 -49.90
CA ALA A 37 38.53 29.29 -48.94
C ALA A 37 38.22 29.70 -47.51
N GLU A 38 38.55 30.95 -47.17
CA GLU A 38 38.29 31.48 -45.84
C GLU A 38 36.80 31.55 -45.51
N LEU A 39 35.98 32.02 -46.47
CA LEU A 39 34.54 32.12 -46.27
C LEU A 39 33.94 30.73 -46.06
N SER A 40 34.40 29.75 -46.84
CA SER A 40 33.88 28.40 -46.76
C SER A 40 34.33 27.70 -45.46
N GLU A 41 35.61 27.80 -45.14
CA GLU A 41 36.11 27.19 -43.90
C GLU A 41 35.30 27.77 -42.73
N GLY A 42 35.01 29.07 -42.81
CA GLY A 42 34.22 29.71 -41.78
C GLY A 42 32.80 29.15 -41.69
N LYS A 43 32.19 28.89 -42.84
CA LYS A 43 30.83 28.34 -42.86
C LYS A 43 30.81 26.92 -42.29
N SER A 44 31.83 26.16 -42.63
CA SER A 44 31.90 24.79 -42.12
C SER A 44 31.95 24.81 -40.60
N ALA A 45 32.72 25.74 -40.05
CA ALA A 45 32.88 25.84 -38.60
C ALA A 45 31.56 26.13 -37.92
N GLU A 46 30.78 27.06 -38.47
CA GLU A 46 29.49 27.40 -37.89
C GLU A 46 28.55 26.22 -38.05
N LEU A 47 28.63 25.54 -39.19
CA LEU A 47 27.78 24.39 -39.42
C LEU A 47 28.18 23.27 -38.43
N GLU A 48 29.48 23.12 -38.22
CA GLU A 48 29.97 22.10 -37.29
C GLU A 48 29.28 22.30 -35.94
N GLU A 49 29.30 23.54 -35.45
CA GLU A 49 28.65 23.90 -34.20
C GLU A 49 27.17 23.56 -34.22
N GLU A 50 26.50 23.89 -35.32
CA GLU A 50 25.07 23.63 -35.44
C GLU A 50 24.76 22.15 -35.37
N LEU A 51 25.65 21.34 -35.92
CA LEU A 51 25.49 19.90 -35.91
C LEU A 51 25.56 19.32 -34.48
N LYS A 52 26.47 19.84 -33.67
CA LYS A 52 26.60 19.34 -32.32
C LYS A 52 25.37 19.71 -31.50
N THR A 53 24.94 20.95 -31.65
CA THR A 53 23.77 21.45 -30.95
C THR A 53 22.54 20.60 -31.28
N VAL A 54 22.26 20.45 -32.57
CA VAL A 54 21.10 19.66 -32.98
C VAL A 54 21.22 18.20 -32.55
N THR A 55 22.42 17.63 -32.70
CA THR A 55 22.66 16.24 -32.33
C THR A 55 22.41 16.01 -30.84
N ASN A 56 22.85 16.97 -30.02
CA ASN A 56 22.65 16.85 -28.57
C ASN A 56 21.15 16.84 -28.29
N ASN A 57 20.46 17.83 -28.83
CA ASN A 57 19.02 17.95 -28.64
C ASN A 57 18.29 16.70 -29.05
N LEU A 58 18.85 16.01 -30.03
CA LEU A 58 18.24 14.79 -30.52
C LEU A 58 18.43 13.62 -29.55
N LYS A 59 19.66 13.43 -29.07
CA LYS A 59 19.90 12.34 -28.15
C LYS A 59 19.05 12.49 -26.89
N SER A 60 18.52 13.68 -26.70
CA SER A 60 17.68 13.95 -25.53
C SER A 60 16.24 13.54 -25.77
N LEU A 61 15.74 13.82 -26.96
CA LEU A 61 14.37 13.47 -27.27
C LEU A 61 14.28 11.95 -27.39
N GLU A 62 15.38 11.33 -27.79
CA GLU A 62 15.44 9.89 -27.92
C GLU A 62 15.29 9.30 -26.52
N ALA A 63 15.93 9.96 -25.56
CA ALA A 63 15.90 9.53 -24.16
C ALA A 63 14.54 9.82 -23.54
N GLN A 64 13.97 10.97 -23.86
CA GLN A 64 12.66 11.35 -23.33
C GLN A 64 11.63 10.36 -23.86
N ALA A 65 11.79 10.00 -25.13
CA ALA A 65 10.90 9.05 -25.78
C ALA A 65 10.99 7.72 -25.04
N GLU A 66 12.17 7.46 -24.49
CA GLU A 66 12.44 6.24 -23.74
C GLU A 66 11.57 6.23 -22.46
N LYS A 67 11.45 7.39 -21.83
CA LYS A 67 10.65 7.50 -20.62
C LYS A 67 9.16 7.55 -20.99
N TYR A 68 8.85 8.07 -22.17
CA TYR A 68 7.47 8.15 -22.63
C TYR A 68 6.88 6.76 -22.85
N SER A 69 7.62 5.91 -23.55
CA SER A 69 7.19 4.56 -23.84
C SER A 69 6.95 3.79 -22.55
N GLN A 70 7.88 3.94 -21.60
CA GLN A 70 7.78 3.25 -20.32
C GLN A 70 6.52 3.64 -19.55
N LYS A 71 6.32 4.94 -19.33
CA LYS A 71 5.13 5.39 -18.63
C LYS A 71 3.90 4.79 -19.30
N GLU A 72 3.92 4.71 -20.63
CA GLU A 72 2.79 4.17 -21.38
C GLU A 72 2.41 2.80 -20.84
N ASP A 73 3.40 1.92 -20.73
CA ASP A 73 3.16 0.57 -20.23
C ASP A 73 2.74 0.61 -18.77
N LYS A 74 3.15 1.65 -18.05
CA LYS A 74 2.78 1.76 -16.65
C LYS A 74 1.29 2.09 -16.58
N TYR A 75 0.87 3.12 -17.33
CA TYR A 75 -0.51 3.56 -17.38
C TYR A 75 -1.41 2.42 -17.78
N GLU A 76 -0.95 1.67 -18.78
CA GLU A 76 -1.69 0.53 -19.29
C GLU A 76 -1.95 -0.46 -18.15
N GLU A 77 -0.91 -0.77 -17.37
CA GLU A 77 -1.04 -1.70 -16.25
C GLU A 77 -1.95 -1.14 -15.17
N GLU A 78 -1.90 0.16 -14.99
CA GLU A 78 -2.70 0.87 -14.00
C GLU A 78 -4.18 0.76 -14.35
N ILE A 79 -4.50 1.07 -15.60
CA ILE A 79 -5.87 1.02 -16.08
C ILE A 79 -6.41 -0.40 -15.94
N LYS A 80 -5.60 -1.37 -16.34
CA LYS A 80 -5.99 -2.76 -16.24
C LYS A 80 -6.50 -3.09 -14.84
N VAL A 81 -5.68 -2.78 -13.84
CA VAL A 81 -6.03 -3.05 -12.45
C VAL A 81 -7.33 -2.36 -12.01
N LEU A 82 -7.49 -1.10 -12.37
CA LEU A 82 -8.70 -0.38 -11.98
C LEU A 82 -9.93 -1.04 -12.61
N SER A 83 -9.82 -1.42 -13.87
CA SER A 83 -10.92 -2.08 -14.58
C SER A 83 -11.33 -3.38 -13.89
N ASP A 84 -10.35 -4.20 -13.52
CA ASP A 84 -10.63 -5.46 -12.85
C ASP A 84 -11.22 -5.20 -11.46
N LYS A 85 -10.81 -4.12 -10.81
CA LYS A 85 -11.35 -3.82 -9.50
C LYS A 85 -12.79 -3.39 -9.65
N LEU A 86 -13.03 -2.52 -10.62
CA LEU A 86 -14.37 -2.02 -10.86
C LEU A 86 -15.35 -3.15 -11.12
N LYS A 87 -14.94 -4.10 -11.97
CA LYS A 87 -15.78 -5.24 -12.34
C LYS A 87 -16.15 -6.03 -11.09
N GLU A 88 -15.14 -6.40 -10.31
CA GLU A 88 -15.34 -7.16 -9.10
C GLU A 88 -16.29 -6.48 -8.11
N ALA A 89 -16.17 -5.17 -7.97
CA ALA A 89 -17.02 -4.44 -7.03
C ALA A 89 -18.44 -4.38 -7.57
N GLU A 90 -18.61 -4.17 -8.86
CA GLU A 90 -19.96 -4.12 -9.41
C GLU A 90 -20.62 -5.50 -9.28
N THR A 91 -19.81 -6.56 -9.29
CA THR A 91 -20.38 -7.89 -9.17
C THR A 91 -20.80 -8.11 -7.73
N ARG A 92 -19.91 -7.80 -6.79
CA ARG A 92 -20.25 -7.93 -5.38
C ARG A 92 -21.53 -7.16 -5.08
N ALA A 93 -21.66 -5.96 -5.64
CA ALA A 93 -22.84 -5.12 -5.45
C ALA A 93 -24.11 -5.79 -6.00
N GLU A 94 -24.05 -6.19 -7.25
CA GLU A 94 -25.17 -6.85 -7.92
C GLU A 94 -25.70 -8.05 -7.12
N PHE A 95 -24.81 -8.95 -6.73
CA PHE A 95 -25.22 -10.13 -5.99
C PHE A 95 -25.68 -9.86 -4.55
N ALA A 96 -25.03 -8.92 -3.87
CA ALA A 96 -25.42 -8.62 -2.51
C ALA A 96 -26.84 -8.05 -2.50
N GLU A 97 -27.14 -7.22 -3.48
CA GLU A 97 -28.46 -6.61 -3.55
C GLU A 97 -29.53 -7.68 -3.74
N ARG A 98 -29.25 -8.67 -4.58
CA ARG A 98 -30.21 -9.76 -4.77
C ARG A 98 -30.33 -10.55 -3.45
N SER A 99 -29.24 -10.62 -2.69
CA SER A 99 -29.35 -11.33 -1.41
C SER A 99 -30.26 -10.56 -0.47
N VAL A 100 -30.11 -9.23 -0.43
CA VAL A 100 -30.97 -8.42 0.44
C VAL A 100 -32.44 -8.71 0.19
N THR A 101 -32.85 -8.68 -1.07
CA THR A 101 -34.26 -8.92 -1.37
C THR A 101 -34.72 -10.27 -0.86
N LYS A 102 -33.89 -11.28 -1.06
CA LYS A 102 -34.21 -12.63 -0.62
C LYS A 102 -34.30 -12.75 0.89
N LEU A 103 -33.31 -12.20 1.57
CA LEU A 103 -33.27 -12.24 3.03
C LEU A 103 -34.46 -11.50 3.64
N GLU A 104 -34.88 -10.40 3.02
CA GLU A 104 -36.02 -9.66 3.53
C GLU A 104 -37.30 -10.50 3.44
N LYS A 105 -37.44 -11.27 2.36
CA LYS A 105 -38.59 -12.14 2.19
C LYS A 105 -38.54 -13.22 3.28
N SER A 106 -37.34 -13.73 3.57
CA SER A 106 -37.18 -14.74 4.62
C SER A 106 -37.65 -14.18 5.94
N ILE A 107 -37.26 -12.95 6.23
CA ILE A 107 -37.70 -12.32 7.47
C ILE A 107 -39.21 -12.23 7.50
N ASP A 108 -39.83 -11.87 6.37
CA ASP A 108 -41.29 -11.77 6.32
C ASP A 108 -41.94 -13.10 6.68
N ASP A 109 -41.35 -14.19 6.19
CA ASP A 109 -41.89 -15.51 6.47
C ASP A 109 -41.70 -15.89 7.94
N LEU A 110 -40.54 -15.60 8.51
CA LEU A 110 -40.32 -15.94 9.92
C LEU A 110 -41.27 -15.14 10.80
N GLU A 111 -41.46 -13.86 10.45
CA GLU A 111 -42.37 -13.03 11.22
C GLU A 111 -43.78 -13.56 11.16
N ASP A 112 -44.20 -14.01 9.98
CA ASP A 112 -45.54 -14.57 9.82
C ASP A 112 -45.71 -15.82 10.69
N GLU A 113 -44.66 -16.62 10.75
CA GLU A 113 -44.67 -17.84 11.54
C GLU A 113 -44.72 -17.51 13.04
N LEU A 114 -43.90 -16.55 13.47
CA LEU A 114 -43.85 -16.15 14.87
C LEU A 114 -45.19 -15.56 15.30
N TYR A 115 -45.76 -14.73 14.43
CA TYR A 115 -47.05 -14.14 14.72
C TYR A 115 -48.10 -15.22 14.96
N ALA A 116 -48.14 -16.22 14.08
CA ALA A 116 -49.13 -17.28 14.26
C ALA A 116 -48.88 -18.06 15.54
N GLN A 117 -47.60 -18.35 15.81
CA GLN A 117 -47.26 -19.08 17.03
C GLN A 117 -47.79 -18.30 18.24
N LYS A 118 -47.54 -16.99 18.25
CA LYS A 118 -48.00 -16.16 19.36
C LYS A 118 -49.50 -16.12 19.47
N LEU A 119 -50.19 -16.21 18.33
CA LEU A 119 -51.65 -16.20 18.33
C LEU A 119 -52.15 -17.48 18.99
N LYS A 120 -51.45 -18.58 18.72
CA LYS A 120 -51.79 -19.88 19.27
C LYS A 120 -51.59 -19.87 20.78
N TYR A 121 -50.47 -19.33 21.23
CA TYR A 121 -50.17 -19.26 22.64
C TYR A 121 -51.25 -18.47 23.39
N LYS A 122 -51.67 -17.34 22.81
CA LYS A 122 -52.69 -16.49 23.40
C LYS A 122 -53.99 -17.24 23.56
N ALA A 123 -54.35 -18.01 22.54
CA ALA A 123 -55.57 -18.78 22.61
C ALA A 123 -55.53 -19.91 23.67
N ILE A 124 -54.42 -20.65 23.77
CA ILE A 124 -54.39 -21.71 24.79
C ILE A 124 -54.36 -21.08 26.18
N SER A 125 -53.73 -19.90 26.29
CA SER A 125 -53.66 -19.18 27.56
C SER A 125 -55.06 -18.82 28.04
N GLU A 126 -55.90 -18.36 27.12
CA GLU A 126 -57.28 -17.99 27.44
C GLU A 126 -58.06 -19.24 27.85
N GLU A 127 -57.77 -20.37 27.20
CA GLU A 127 -58.43 -21.62 27.54
C GLU A 127 -58.02 -22.02 28.96
N MET A 128 -56.75 -21.82 29.27
CA MET A 128 -56.22 -22.14 30.61
C MET A 128 -57.00 -21.37 31.66
N LYS A 129 -57.17 -20.06 31.43
CA LYS A 129 -57.89 -19.20 32.38
C LYS A 129 -59.30 -19.69 32.65
N GLN A 130 -59.98 -20.13 31.60
CA GLN A 130 -61.34 -20.62 31.79
C GLN A 130 -61.33 -21.90 32.63
N LEU A 131 -60.33 -22.75 32.41
CA LEU A 131 -60.22 -24.00 33.18
C LEU A 131 -59.92 -23.72 34.64
N GLU A 132 -59.07 -22.71 34.89
CA GLU A 132 -58.69 -22.31 36.24
C GLU A 132 -59.91 -21.76 36.99
N ASP A 133 -60.71 -20.96 36.29
CA ASP A 133 -61.93 -20.41 36.88
C ASP A 133 -62.89 -21.55 37.22
N LYS A 134 -62.84 -22.61 36.42
CA LYS A 134 -63.70 -23.76 36.63
C LYS A 134 -63.25 -24.54 37.89
N VAL A 135 -61.93 -24.74 38.03
CA VAL A 135 -61.40 -25.44 39.21
C VAL A 135 -61.81 -24.68 40.47
N GLU A 136 -61.64 -23.37 40.43
CA GLU A 136 -61.95 -22.50 41.55
C GLU A 136 -63.44 -22.64 41.90
N GLU A 137 -64.27 -22.61 40.86
CA GLU A 137 -65.71 -22.73 41.03
C GLU A 137 -66.10 -24.07 41.65
N LEU A 138 -65.42 -25.13 41.24
CA LEU A 138 -65.73 -26.46 41.77
C LEU A 138 -65.24 -26.63 43.20
N LEU A 139 -64.02 -26.18 43.50
CA LEU A 139 -63.50 -26.30 44.86
C LEU A 139 -64.48 -25.63 45.82
N SER A 140 -65.06 -24.51 45.36
CA SER A 140 -66.01 -23.79 46.19
C SER A 140 -67.30 -24.59 46.37
N LYS A 141 -67.88 -25.03 45.26
CA LYS A 141 -69.10 -25.84 45.33
C LYS A 141 -68.91 -27.08 46.23
N ASN A 142 -67.79 -27.79 46.05
CA ASN A 142 -67.55 -28.99 46.86
C ASN A 142 -67.35 -28.69 48.36
N TYR A 143 -66.73 -27.56 48.67
CA TYR A 143 -66.50 -27.16 50.07
C TYR A 143 -67.87 -27.00 50.75
N HIS A 144 -68.76 -26.29 50.07
CA HIS A 144 -70.08 -26.06 50.62
C HIS A 144 -70.98 -27.30 50.60
N LEU A 145 -70.92 -28.10 49.54
CA LEU A 145 -71.72 -29.32 49.53
C LEU A 145 -71.29 -30.20 50.70
N GLU A 146 -69.99 -30.26 50.95
CA GLU A 146 -69.50 -31.07 52.05
C GLU A 146 -70.08 -30.59 53.38
N ASN A 147 -70.11 -29.27 53.57
CA ASN A 147 -70.67 -28.70 54.81
C ASN A 147 -72.16 -28.97 54.88
N GLU A 148 -72.83 -28.98 53.73
CA GLU A 148 -74.28 -29.23 53.70
C GLU A 148 -74.56 -30.68 54.10
N VAL A 149 -73.74 -31.61 53.59
CA VAL A 149 -73.90 -33.02 53.93
C VAL A 149 -73.78 -33.22 55.45
N ALA A 150 -72.85 -32.49 56.07
CA ALA A 150 -72.65 -32.58 57.53
C ALA A 150 -73.85 -31.96 58.26
N ARG A 151 -74.30 -30.80 57.78
CA ARG A 151 -75.43 -30.12 58.39
C ARG A 151 -76.69 -30.98 58.37
N LEU A 152 -76.96 -31.61 57.23
CA LEU A 152 -78.14 -32.45 57.11
C LEU A 152 -78.11 -33.61 58.11
N LYS A 153 -76.93 -34.18 58.33
CA LYS A 153 -76.80 -35.29 59.28
C LYS A 153 -77.09 -34.90 60.74
N LYS A 154 -77.02 -33.60 61.06
CA LYS A 154 -77.29 -33.15 62.42
C LYS A 154 -78.77 -32.87 62.69
N LEU A 155 -79.59 -32.85 61.65
CA LEU A 155 -81.02 -32.60 61.82
C LEU A 155 -81.73 -33.76 62.51
N MET B 2 77.29 49.75 -78.03
CA MET B 2 77.89 50.49 -76.89
C MET B 2 77.87 49.68 -75.59
N LYS B 3 78.91 49.86 -74.78
CA LYS B 3 79.02 49.19 -73.50
C LYS B 3 77.78 49.57 -72.67
N GLN B 4 77.33 50.81 -72.81
CA GLN B 4 76.17 51.30 -72.07
C GLN B 4 74.95 50.43 -72.32
N LEU B 5 74.63 50.19 -73.58
CA LEU B 5 73.48 49.36 -73.92
C LEU B 5 73.68 47.98 -73.33
N GLU B 6 74.91 47.46 -73.38
CA GLU B 6 75.19 46.14 -72.81
C GLU B 6 74.63 46.03 -71.40
N ASP B 7 75.08 46.93 -70.53
CA ASP B 7 74.67 46.97 -69.13
C ASP B 7 73.16 47.11 -68.95
N LYS B 8 72.52 47.87 -69.82
CA LYS B 8 71.07 48.08 -69.75
C LYS B 8 70.37 46.75 -70.04
N VAL B 9 70.81 46.08 -71.10
CA VAL B 9 70.23 44.80 -71.44
C VAL B 9 70.44 43.84 -70.28
N GLU B 10 71.67 43.76 -69.78
CA GLU B 10 71.99 42.87 -68.68
C GLU B 10 71.05 43.08 -67.49
N GLU B 11 70.78 44.34 -67.17
CA GLU B 11 69.89 44.67 -66.06
C GLU B 11 68.47 44.15 -66.32
N LEU B 12 67.97 44.40 -67.52
CA LEU B 12 66.61 43.97 -67.85
C LEU B 12 66.45 42.47 -67.90
N LEU B 13 67.49 41.78 -68.37
CA LEU B 13 67.45 40.32 -68.44
C LEU B 13 67.40 39.71 -67.02
N SER B 14 68.21 40.25 -66.11
CA SER B 14 68.22 39.78 -64.73
C SER B 14 66.83 40.03 -64.14
N LYS B 15 66.30 41.22 -64.39
CA LYS B 15 64.98 41.56 -63.89
C LYS B 15 63.94 40.61 -64.47
N ASN B 16 64.06 40.36 -65.77
CA ASN B 16 63.15 39.49 -66.51
C ASN B 16 63.16 38.08 -65.92
N TYR B 17 64.35 37.63 -65.54
CA TYR B 17 64.55 36.32 -64.95
C TYR B 17 63.74 36.15 -63.67
N HIS B 18 63.96 37.04 -62.70
CA HIS B 18 63.23 36.94 -61.44
C HIS B 18 61.72 37.06 -61.65
N LEU B 19 61.30 37.85 -62.63
CA LEU B 19 59.87 38.00 -62.90
C LEU B 19 59.27 36.69 -63.43
N GLU B 20 60.01 36.03 -64.31
CA GLU B 20 59.52 34.76 -64.85
C GLU B 20 59.38 33.77 -63.72
N ASN B 21 60.37 33.73 -62.83
CA ASN B 21 60.33 32.82 -61.67
C ASN B 21 59.16 33.17 -60.73
N GLU B 22 58.86 34.46 -60.57
CA GLU B 22 57.76 34.83 -59.68
C GLU B 22 56.41 34.42 -60.29
N VAL B 23 56.26 34.61 -61.59
CA VAL B 23 55.02 34.19 -62.25
C VAL B 23 54.85 32.66 -62.10
N ALA B 24 55.94 31.91 -62.31
CA ALA B 24 55.88 30.46 -62.21
C ALA B 24 55.51 30.01 -60.79
N ARG B 25 56.08 30.68 -59.80
CA ARG B 25 55.82 30.38 -58.40
C ARG B 25 54.35 30.73 -58.03
N LEU B 26 53.86 31.88 -58.47
CA LEU B 26 52.49 32.27 -58.14
C LEU B 26 51.45 31.35 -58.79
N LYS B 27 51.73 30.87 -60.00
CA LYS B 27 50.79 29.97 -60.67
C LYS B 27 50.60 28.71 -59.82
N LYS B 28 51.69 28.28 -59.20
CA LYS B 28 51.71 27.10 -58.34
C LYS B 28 50.90 27.35 -57.06
N LEU B 29 51.09 28.50 -56.43
CA LEU B 29 50.36 28.83 -55.21
C LEU B 29 48.87 28.98 -55.53
N LEU B 30 48.58 29.54 -56.70
CA LEU B 30 47.19 29.74 -57.11
C LEU B 30 46.54 28.39 -57.31
N GLU B 31 47.24 27.50 -58.01
CA GLU B 31 46.71 26.16 -58.26
C GLU B 31 46.31 25.56 -56.91
N ARG B 32 47.20 25.65 -55.93
CA ARG B 32 46.90 25.08 -54.61
C ARG B 32 45.79 25.79 -53.85
N ALA B 33 45.69 27.12 -53.96
CA ALA B 33 44.63 27.82 -53.26
C ALA B 33 43.27 27.51 -53.89
N GLU B 34 43.24 27.29 -55.20
CA GLU B 34 41.97 26.99 -55.82
C GLU B 34 41.52 25.59 -55.42
N GLU B 35 42.48 24.66 -55.29
CA GLU B 35 42.13 23.31 -54.87
C GLU B 35 41.55 23.37 -53.45
N ARG B 36 42.20 24.12 -52.56
CA ARG B 36 41.76 24.29 -51.17
C ARG B 36 40.32 24.82 -51.08
N ALA B 37 40.02 25.84 -51.88
CA ALA B 37 38.69 26.41 -51.89
C ALA B 37 37.65 25.38 -52.31
N GLU B 38 37.95 24.65 -53.38
CA GLU B 38 37.04 23.62 -53.89
C GLU B 38 36.78 22.63 -52.76
N LEU B 39 37.86 22.10 -52.20
CA LEU B 39 37.72 21.13 -51.11
C LEU B 39 36.88 21.70 -49.97
N SER B 40 37.21 22.91 -49.53
CA SER B 40 36.43 23.50 -48.45
C SER B 40 34.97 23.72 -48.83
N GLU B 41 34.71 24.18 -50.06
CA GLU B 41 33.33 24.39 -50.47
C GLU B 41 32.58 23.08 -50.51
N GLY B 42 33.28 22.01 -50.89
CA GLY B 42 32.66 20.71 -50.92
C GLY B 42 32.28 20.24 -49.53
N LYS B 43 33.15 20.48 -48.55
CA LYS B 43 32.85 20.07 -47.18
C LYS B 43 31.62 20.82 -46.63
N SER B 44 31.57 22.13 -46.85
CA SER B 44 30.46 22.97 -46.39
C SER B 44 29.14 22.42 -46.93
N ALA B 45 29.12 22.06 -48.21
CA ALA B 45 27.90 21.52 -48.82
C ALA B 45 27.50 20.19 -48.18
N GLU B 46 28.50 19.39 -47.80
CA GLU B 46 28.21 18.11 -47.20
C GLU B 46 27.70 18.28 -45.77
N LEU B 47 28.23 19.29 -45.09
CA LEU B 47 27.83 19.53 -43.72
C LEU B 47 26.41 20.10 -43.69
N GLU B 48 26.11 20.94 -44.67
CA GLU B 48 24.80 21.58 -44.79
C GLU B 48 23.73 20.49 -44.95
N GLU B 49 24.02 19.53 -45.83
CA GLU B 49 23.11 18.42 -46.08
C GLU B 49 22.94 17.57 -44.81
N GLU B 50 24.01 17.37 -44.05
CA GLU B 50 23.91 16.61 -42.80
C GLU B 50 22.98 17.31 -41.82
N LEU B 51 23.18 18.61 -41.64
CA LEU B 51 22.37 19.41 -40.73
C LEU B 51 20.88 19.38 -41.12
N LYS B 52 20.62 19.35 -42.41
CA LYS B 52 19.25 19.30 -42.89
C LYS B 52 18.63 17.97 -42.45
N THR B 53 19.41 16.90 -42.55
CA THR B 53 18.93 15.58 -42.20
C THR B 53 18.71 15.43 -40.70
N VAL B 54 19.66 15.88 -39.89
CA VAL B 54 19.50 15.75 -38.45
C VAL B 54 18.37 16.65 -37.97
N THR B 55 18.17 17.75 -38.69
CA THR B 55 17.11 18.69 -38.34
C THR B 55 15.75 18.09 -38.65
N ASN B 56 15.66 17.38 -39.77
CA ASN B 56 14.40 16.75 -40.13
C ASN B 56 14.08 15.65 -39.12
N ASN B 57 15.11 15.03 -38.56
CA ASN B 57 14.89 13.97 -37.58
C ASN B 57 14.44 14.56 -36.26
N LEU B 58 15.09 15.63 -35.84
CA LEU B 58 14.73 16.29 -34.60
C LEU B 58 13.27 16.70 -34.69
N LYS B 59 12.90 17.31 -35.81
CA LYS B 59 11.52 17.76 -36.00
C LYS B 59 10.56 16.59 -35.97
N SER B 60 11.01 15.42 -36.43
CA SER B 60 10.17 14.24 -36.41
C SER B 60 9.99 13.77 -34.96
N LEU B 61 11.06 13.78 -34.18
CA LEU B 61 10.99 13.37 -32.78
C LEU B 61 10.13 14.31 -31.96
N GLU B 62 10.10 15.58 -32.35
CA GLU B 62 9.30 16.57 -31.63
C GLU B 62 7.82 16.29 -31.87
N ALA B 63 7.47 15.90 -33.08
CA ALA B 63 6.08 15.61 -33.42
C ALA B 63 5.62 14.43 -32.58
N GLN B 64 6.45 13.39 -32.55
CA GLN B 64 6.18 12.20 -31.76
C GLN B 64 6.01 12.58 -30.29
N ALA B 65 6.96 13.35 -29.76
CA ALA B 65 6.92 13.77 -28.36
C ALA B 65 5.61 14.48 -28.06
N GLU B 66 5.01 15.10 -29.08
CA GLU B 66 3.75 15.80 -28.92
C GLU B 66 2.58 14.83 -28.79
N LYS B 67 2.61 13.76 -29.57
CA LYS B 67 1.54 12.76 -29.51
C LYS B 67 1.57 12.08 -28.15
N TYR B 68 2.77 11.82 -27.64
CA TYR B 68 2.93 11.18 -26.34
C TYR B 68 2.36 12.06 -25.23
N SER B 69 2.59 13.36 -25.34
CA SER B 69 2.12 14.30 -24.33
C SER B 69 0.60 14.34 -24.23
N GLN B 70 -0.08 14.29 -25.38
CA GLN B 70 -1.55 14.34 -25.37
C GLN B 70 -2.16 12.97 -25.07
N LYS B 71 -1.50 11.93 -25.56
CA LYS B 71 -1.96 10.57 -25.33
C LYS B 71 -1.70 10.22 -23.86
N GLU B 72 -0.82 10.99 -23.22
CA GLU B 72 -0.50 10.78 -21.83
C GLU B 72 -1.62 11.38 -20.99
N ASP B 73 -2.12 12.54 -21.41
CA ASP B 73 -3.21 13.17 -20.70
C ASP B 73 -4.47 12.33 -20.89
N LYS B 74 -4.51 11.58 -21.99
CA LYS B 74 -5.62 10.70 -22.28
C LYS B 74 -5.66 9.61 -21.21
N TYR B 75 -4.55 8.88 -21.08
CA TYR B 75 -4.47 7.82 -20.07
C TYR B 75 -4.80 8.36 -18.68
N GLU B 76 -4.37 9.59 -18.42
CA GLU B 76 -4.60 10.25 -17.13
C GLU B 76 -6.10 10.43 -16.89
N GLU B 77 -6.80 10.85 -17.94
CA GLU B 77 -8.24 11.08 -17.90
C GLU B 77 -8.99 9.78 -17.67
N GLU B 78 -8.56 8.71 -18.34
CA GLU B 78 -9.19 7.40 -18.21
C GLU B 78 -9.09 6.87 -16.77
N ILE B 79 -7.92 7.07 -16.17
CA ILE B 79 -7.68 6.62 -14.80
C ILE B 79 -8.58 7.33 -13.80
N LYS B 80 -8.76 8.63 -13.99
CA LYS B 80 -9.59 9.41 -13.09
C LYS B 80 -11.05 8.97 -13.23
N VAL B 81 -11.44 8.67 -14.46
CA VAL B 81 -12.80 8.23 -14.73
C VAL B 81 -13.04 6.90 -14.05
N LEU B 82 -12.13 5.96 -14.25
CA LEU B 82 -12.24 4.64 -13.64
C LEU B 82 -12.20 4.69 -12.11
N SER B 83 -11.40 5.62 -11.58
CA SER B 83 -11.24 5.79 -10.14
C SER B 83 -12.51 6.24 -9.47
N ASP B 84 -13.16 7.23 -10.08
CA ASP B 84 -14.40 7.73 -9.53
C ASP B 84 -15.46 6.62 -9.57
N LYS B 85 -15.49 5.86 -10.65
CA LYS B 85 -16.46 4.77 -10.77
C LYS B 85 -16.18 3.66 -9.76
N LEU B 86 -14.90 3.38 -9.52
CA LEU B 86 -14.56 2.34 -8.56
C LEU B 86 -15.01 2.77 -7.15
N LYS B 87 -14.78 4.02 -6.79
CA LYS B 87 -15.20 4.51 -5.48
C LYS B 87 -16.70 4.34 -5.31
N GLU B 88 -17.46 4.68 -6.36
CA GLU B 88 -18.91 4.55 -6.31
C GLU B 88 -19.29 3.09 -6.17
N ALA B 89 -18.64 2.23 -6.95
CA ALA B 89 -18.95 0.81 -6.89
C ALA B 89 -18.64 0.21 -5.52
N GLU B 90 -17.48 0.51 -4.97
CA GLU B 90 -17.06 -0.02 -3.67
C GLU B 90 -18.02 0.40 -2.56
N THR B 91 -18.48 1.64 -2.63
CA THR B 91 -19.41 2.17 -1.64
C THR B 91 -20.73 1.41 -1.73
N ARG B 92 -21.22 1.20 -2.94
CA ARG B 92 -22.50 0.48 -3.06
C ARG B 92 -22.34 -0.99 -2.65
N ALA B 93 -21.21 -1.59 -2.99
CA ALA B 93 -20.94 -2.99 -2.64
C ALA B 93 -20.95 -3.16 -1.13
N GLU B 94 -20.15 -2.32 -0.46
CA GLU B 94 -20.01 -2.31 0.99
C GLU B 94 -21.35 -2.12 1.65
N PHE B 95 -22.15 -1.17 1.14
CA PHE B 95 -23.48 -0.91 1.71
C PHE B 95 -24.36 -2.17 1.66
N ALA B 96 -24.44 -2.79 0.49
CA ALA B 96 -25.27 -3.99 0.33
C ALA B 96 -24.74 -5.14 1.19
N GLU B 97 -23.43 -5.33 1.20
CA GLU B 97 -22.86 -6.41 2.02
C GLU B 97 -23.11 -6.17 3.53
N ARG B 98 -23.07 -4.92 3.99
CA ARG B 98 -23.33 -4.64 5.42
C ARG B 98 -24.81 -4.91 5.72
N SER B 99 -25.67 -4.66 4.74
CA SER B 99 -27.11 -4.89 4.91
C SER B 99 -27.37 -6.38 5.06
N VAL B 100 -26.69 -7.16 4.23
CA VAL B 100 -26.83 -8.61 4.28
C VAL B 100 -26.42 -9.08 5.68
N THR B 101 -25.29 -8.61 6.18
CA THR B 101 -24.87 -9.03 7.51
C THR B 101 -25.95 -8.68 8.54
N LYS B 102 -26.54 -7.51 8.42
CA LYS B 102 -27.59 -7.09 9.35
C LYS B 102 -28.82 -7.99 9.25
N LEU B 103 -29.20 -8.35 8.03
CA LEU B 103 -30.37 -9.19 7.83
C LEU B 103 -30.16 -10.63 8.33
N GLU B 104 -28.94 -11.14 8.19
CA GLU B 104 -28.64 -12.50 8.65
C GLU B 104 -28.70 -12.55 10.18
N LYS B 105 -28.22 -11.48 10.81
CA LYS B 105 -28.26 -11.40 12.27
C LYS B 105 -29.70 -11.35 12.74
N SER B 106 -30.56 -10.67 11.97
CA SER B 106 -31.96 -10.56 12.34
C SER B 106 -32.70 -11.88 12.18
N ILE B 107 -32.28 -12.68 11.19
CA ILE B 107 -32.88 -13.99 10.94
C ILE B 107 -32.54 -14.91 12.11
N ASP B 108 -31.29 -14.85 12.54
CA ASP B 108 -30.82 -15.67 13.63
C ASP B 108 -31.59 -15.34 14.93
N ASP B 109 -31.90 -14.05 15.12
CA ASP B 109 -32.62 -13.61 16.30
C ASP B 109 -34.05 -14.10 16.23
N LEU B 110 -34.62 -14.11 15.03
CA LEU B 110 -35.98 -14.59 14.83
C LEU B 110 -36.06 -16.11 15.04
N GLU B 111 -35.02 -16.85 14.63
CA GLU B 111 -35.00 -18.30 14.84
C GLU B 111 -34.93 -18.56 16.36
N ASP B 112 -34.09 -17.80 17.06
CA ASP B 112 -33.98 -17.94 18.51
C ASP B 112 -35.31 -17.74 19.18
N GLU B 113 -36.02 -16.68 18.79
CA GLU B 113 -37.34 -16.40 19.37
C GLU B 113 -38.37 -17.49 19.06
N LEU B 114 -38.36 -18.04 17.85
CA LEU B 114 -39.33 -19.08 17.51
C LEU B 114 -39.08 -20.32 18.36
N TYR B 115 -37.80 -20.67 18.53
CA TYR B 115 -37.42 -21.84 19.33
C TYR B 115 -37.93 -21.61 20.75
N ALA B 116 -37.60 -20.47 21.35
CA ALA B 116 -38.04 -20.15 22.70
C ALA B 116 -39.57 -20.14 22.80
N GLN B 117 -40.22 -19.64 21.75
CA GLN B 117 -41.68 -19.58 21.74
C GLN B 117 -42.31 -20.98 21.70
N LYS B 118 -41.66 -21.91 21.02
CA LYS B 118 -42.19 -23.28 20.96
C LYS B 118 -42.04 -23.98 22.32
N LEU B 119 -40.96 -23.68 23.05
CA LEU B 119 -40.78 -24.27 24.37
C LEU B 119 -41.89 -23.73 25.28
N LYS B 120 -42.27 -22.45 25.11
CA LYS B 120 -43.31 -21.88 25.96
C LYS B 120 -44.60 -22.59 25.68
N TYR B 121 -44.93 -22.78 24.41
CA TYR B 121 -46.16 -23.45 24.05
C TYR B 121 -46.19 -24.88 24.62
N LYS B 122 -45.04 -25.56 24.61
CA LYS B 122 -44.97 -26.93 25.14
C LYS B 122 -45.23 -26.92 26.64
N ALA B 123 -44.63 -25.98 27.35
CA ALA B 123 -44.79 -25.84 28.79
C ALA B 123 -46.25 -25.55 29.15
N ILE B 124 -46.91 -24.68 28.40
CA ILE B 124 -48.30 -24.38 28.76
C ILE B 124 -49.24 -25.53 28.40
N SER B 125 -48.94 -26.25 27.32
CA SER B 125 -49.75 -27.40 26.92
C SER B 125 -49.68 -28.46 28.03
N GLU B 126 -48.51 -28.58 28.66
CA GLU B 126 -48.30 -29.54 29.74
C GLU B 126 -49.13 -29.19 30.96
N GLU B 127 -49.16 -27.92 31.35
CA GLU B 127 -49.97 -27.51 32.51
C GLU B 127 -51.44 -27.77 32.15
N MET B 128 -51.80 -27.40 30.93
CA MET B 128 -53.15 -27.60 30.46
C MET B 128 -53.62 -29.04 30.73
N LYS B 129 -52.77 -30.02 30.39
CA LYS B 129 -53.08 -31.42 30.62
C LYS B 129 -53.34 -31.70 32.09
N GLN B 130 -52.51 -31.13 32.96
CA GLN B 130 -52.68 -31.34 34.40
C GLN B 130 -53.94 -30.63 34.91
N LEU B 131 -54.28 -29.52 34.28
CA LEU B 131 -55.46 -28.78 34.71
C LEU B 131 -56.73 -29.55 34.34
N GLU B 132 -56.77 -30.06 33.12
CA GLU B 132 -57.92 -30.81 32.67
C GLU B 132 -58.17 -32.00 33.57
N ASP B 133 -57.08 -32.63 34.01
CA ASP B 133 -57.18 -33.78 34.91
C ASP B 133 -57.76 -33.36 36.25
N LYS B 134 -57.35 -32.19 36.73
CA LYS B 134 -57.86 -31.68 38.00
C LYS B 134 -59.36 -31.41 37.88
N VAL B 135 -59.78 -30.78 36.77
CA VAL B 135 -61.19 -30.50 36.59
C VAL B 135 -62.01 -31.80 36.52
N GLU B 136 -61.49 -32.80 35.81
CA GLU B 136 -62.20 -34.08 35.70
C GLU B 136 -62.40 -34.64 37.11
N GLU B 137 -61.35 -34.63 37.90
CA GLU B 137 -61.41 -35.11 39.27
C GLU B 137 -62.43 -34.34 40.13
N LEU B 138 -62.40 -33.01 40.08
CA LEU B 138 -63.34 -32.22 40.87
C LEU B 138 -64.78 -32.38 40.39
N LEU B 139 -64.96 -32.53 39.08
CA LEU B 139 -66.32 -32.72 38.57
C LEU B 139 -66.84 -34.03 39.12
N SER B 140 -65.94 -35.00 39.27
CA SER B 140 -66.33 -36.30 39.80
C SER B 140 -66.77 -36.11 41.26
N LYS B 141 -65.87 -35.53 42.07
CA LYS B 141 -66.18 -35.31 43.47
C LYS B 141 -67.50 -34.54 43.61
N ASN B 142 -67.70 -33.51 42.78
CA ASN B 142 -68.90 -32.71 42.84
C ASN B 142 -70.15 -33.55 42.60
N TYR B 143 -70.05 -34.44 41.61
CA TYR B 143 -71.15 -35.32 41.22
C TYR B 143 -71.59 -36.22 42.38
N HIS B 144 -70.63 -36.88 43.02
CA HIS B 144 -70.99 -37.73 44.13
C HIS B 144 -71.51 -36.94 45.32
N LEU B 145 -70.98 -35.75 45.57
CA LEU B 145 -71.47 -34.98 46.71
C LEU B 145 -72.92 -34.57 46.46
N GLU B 146 -73.22 -34.10 45.25
CA GLU B 146 -74.58 -33.69 44.95
C GLU B 146 -75.57 -34.85 45.13
N ASN B 147 -75.14 -36.05 44.74
CA ASN B 147 -76.00 -37.21 44.90
C ASN B 147 -76.23 -37.47 46.38
N GLU B 148 -75.17 -37.36 47.19
CA GLU B 148 -75.31 -37.61 48.62
C GLU B 148 -76.27 -36.61 49.27
N VAL B 149 -76.20 -35.33 48.89
CA VAL B 149 -77.10 -34.35 49.44
C VAL B 149 -78.55 -34.72 49.06
N ALA B 150 -78.76 -35.08 47.81
CA ALA B 150 -80.10 -35.48 47.34
C ALA B 150 -80.61 -36.65 48.16
N ARG B 151 -79.74 -37.65 48.36
CA ARG B 151 -80.10 -38.84 49.13
C ARG B 151 -80.53 -38.51 50.56
N LEU B 152 -79.71 -37.73 51.28
CA LEU B 152 -80.02 -37.35 52.66
C LEU B 152 -81.34 -36.60 52.78
N LYS B 153 -81.56 -35.64 51.88
CA LYS B 153 -82.77 -34.83 51.90
C LYS B 153 -84.08 -35.61 51.86
N LYS B 154 -84.05 -36.83 51.35
CA LYS B 154 -85.25 -37.65 51.28
C LYS B 154 -85.20 -38.86 52.22
N LEU B 155 -85.42 -38.59 53.51
CA LEU B 155 -85.40 -39.64 54.54
C LEU B 155 -86.63 -39.57 55.46
N MET C 2 -95.59 -13.21 68.06
CA MET C 2 -95.35 -14.11 66.90
C MET C 2 -94.63 -13.35 65.79
N LYS C 3 -95.19 -12.22 65.40
CA LYS C 3 -94.65 -11.34 64.36
C LYS C 3 -93.14 -11.19 64.49
N GLN C 4 -92.65 -11.33 65.71
CA GLN C 4 -91.22 -11.25 65.99
C GLN C 4 -90.47 -12.11 64.97
N LEU C 5 -91.15 -13.16 64.51
CA LEU C 5 -90.57 -14.06 63.51
C LEU C 5 -90.64 -13.39 62.15
N GLU C 6 -91.80 -12.83 61.83
CA GLU C 6 -91.99 -12.16 60.57
C GLU C 6 -90.98 -11.03 60.46
N ASP C 7 -90.62 -10.46 61.60
CA ASP C 7 -89.63 -9.40 61.66
C ASP C 7 -88.22 -9.98 61.67
N LYS C 8 -88.09 -11.21 62.14
CA LYS C 8 -86.80 -11.90 62.18
C LYS C 8 -86.45 -12.18 60.72
N VAL C 9 -87.38 -12.83 60.02
CA VAL C 9 -87.20 -13.13 58.62
C VAL C 9 -86.81 -11.85 57.87
N GLU C 10 -87.42 -10.74 58.27
CA GLU C 10 -87.12 -9.46 57.63
C GLU C 10 -85.67 -9.09 57.93
N GLU C 11 -85.17 -9.55 59.07
CA GLU C 11 -83.80 -9.29 59.48
C GLU C 11 -82.87 -10.24 58.71
N LEU C 12 -83.09 -11.55 58.88
CA LEU C 12 -82.27 -12.54 58.19
C LEU C 12 -82.16 -12.21 56.70
N LEU C 13 -83.26 -11.73 56.13
CA LEU C 13 -83.26 -11.38 54.71
C LEU C 13 -82.27 -10.26 54.38
N SER C 14 -82.18 -9.26 55.24
CA SER C 14 -81.28 -8.13 55.03
C SER C 14 -79.84 -8.56 55.23
N LYS C 15 -79.61 -9.26 56.34
CA LYS C 15 -78.29 -9.76 56.68
C LYS C 15 -77.75 -10.64 55.54
N ASN C 16 -78.54 -11.60 55.09
CA ASN C 16 -78.11 -12.47 54.00
C ASN C 16 -77.79 -11.56 52.80
N TYR C 17 -78.64 -10.56 52.55
CA TYR C 17 -78.43 -9.62 51.45
C TYR C 17 -77.05 -8.97 51.59
N HIS C 18 -76.69 -8.57 52.80
CA HIS C 18 -75.40 -7.95 53.07
C HIS C 18 -74.27 -8.96 52.89
N LEU C 19 -74.43 -10.15 53.46
CA LEU C 19 -73.43 -11.21 53.33
C LEU C 19 -73.18 -11.43 51.86
N GLU C 20 -74.25 -11.51 51.09
CA GLU C 20 -74.10 -11.72 49.67
C GLU C 20 -73.34 -10.55 49.06
N ASN C 21 -73.45 -9.38 49.68
CA ASN C 21 -72.74 -8.20 49.17
C ASN C 21 -71.27 -8.29 49.57
N GLU C 22 -71.00 -8.84 50.75
CA GLU C 22 -69.62 -9.01 51.19
C GLU C 22 -68.96 -10.08 50.30
N VAL C 23 -69.69 -11.13 49.96
CA VAL C 23 -69.12 -12.18 49.12
C VAL C 23 -68.76 -11.58 47.76
N ALA C 24 -69.65 -10.80 47.17
CA ALA C 24 -69.34 -10.20 45.88
C ALA C 24 -68.11 -9.27 45.96
N ARG C 25 -67.99 -8.51 47.05
CA ARG C 25 -66.84 -7.61 47.21
C ARG C 25 -65.55 -8.44 47.30
N LEU C 26 -65.57 -9.47 48.15
CA LEU C 26 -64.38 -10.32 48.33
C LEU C 26 -63.93 -10.88 46.97
N LYS C 27 -64.89 -11.33 46.18
CA LYS C 27 -64.56 -11.88 44.85
C LYS C 27 -63.92 -10.88 43.92
N LYS C 28 -64.38 -9.63 43.97
CA LYS C 28 -63.77 -8.64 43.09
C LYS C 28 -62.34 -8.35 43.57
N LEU C 29 -62.16 -8.25 44.88
CA LEU C 29 -60.85 -7.99 45.48
C LEU C 29 -59.88 -9.13 45.14
N LEU C 30 -60.38 -10.36 45.22
CA LEU C 30 -59.60 -11.53 44.91
C LEU C 30 -59.13 -11.46 43.45
N GLU C 31 -60.05 -11.18 42.53
CA GLU C 31 -59.70 -11.07 41.13
C GLU C 31 -58.62 -10.01 40.94
N ARG C 32 -58.76 -8.86 41.61
CA ARG C 32 -57.75 -7.81 41.47
C ARG C 32 -56.36 -8.30 41.90
N ALA C 33 -56.29 -8.98 43.03
CA ALA C 33 -55.02 -9.51 43.57
C ALA C 33 -54.45 -10.53 42.56
N GLU C 34 -55.28 -11.43 42.08
CA GLU C 34 -54.85 -12.41 41.07
C GLU C 34 -54.29 -11.72 39.82
N GLU C 35 -55.00 -10.72 39.30
CA GLU C 35 -54.49 -10.03 38.11
C GLU C 35 -53.18 -9.29 38.41
N ARG C 36 -53.03 -8.72 39.61
CA ARG C 36 -51.77 -8.06 39.96
C ARG C 36 -50.62 -9.07 39.86
N ALA C 37 -50.79 -10.22 40.52
CA ALA C 37 -49.79 -11.28 40.54
C ALA C 37 -49.43 -11.74 39.14
N GLU C 38 -50.45 -11.94 38.30
CA GLU C 38 -50.23 -12.38 36.93
C GLU C 38 -49.41 -11.38 36.12
N LEU C 39 -49.73 -10.10 36.26
CA LEU C 39 -49.01 -9.04 35.54
C LEU C 39 -47.53 -9.01 35.96
N SER C 40 -47.28 -9.18 37.26
CA SER C 40 -45.91 -9.14 37.78
C SER C 40 -45.15 -10.41 37.39
N GLU C 41 -45.76 -11.56 37.56
CA GLU C 41 -45.11 -12.81 37.19
C GLU C 41 -44.71 -12.72 35.70
N GLY C 42 -45.60 -12.15 34.89
CA GLY C 42 -45.32 -11.98 33.47
C GLY C 42 -44.11 -11.08 33.24
N LYS C 43 -43.99 -10.03 34.04
CA LYS C 43 -42.87 -9.10 33.89
C LYS C 43 -41.56 -9.77 34.29
N SER C 44 -41.59 -10.54 35.37
CA SER C 44 -40.39 -11.22 35.80
C SER C 44 -39.86 -12.12 34.67
N ALA C 45 -40.78 -12.85 34.05
CA ALA C 45 -40.42 -13.77 32.99
C ALA C 45 -39.74 -13.06 31.82
N GLU C 46 -40.23 -11.87 31.46
CA GLU C 46 -39.61 -11.12 30.36
C GLU C 46 -38.26 -10.60 30.81
N LEU C 47 -38.16 -10.20 32.09
CA LEU C 47 -36.92 -9.69 32.64
C LEU C 47 -35.89 -10.84 32.69
N GLU C 48 -36.34 -12.03 33.05
CA GLU C 48 -35.43 -13.19 33.11
C GLU C 48 -34.82 -13.40 31.73
N GLU C 49 -35.66 -13.38 30.70
CA GLU C 49 -35.16 -13.51 29.34
C GLU C 49 -34.13 -12.42 29.03
N GLU C 50 -34.49 -11.17 29.31
CA GLU C 50 -33.58 -10.05 29.04
C GLU C 50 -32.25 -10.26 29.71
N LEU C 51 -32.28 -10.73 30.96
CA LEU C 51 -31.06 -10.99 31.70
C LEU C 51 -30.21 -12.03 30.96
N LYS C 52 -30.85 -13.12 30.54
CA LYS C 52 -30.16 -14.18 29.83
C LYS C 52 -29.36 -13.60 28.67
N THR C 53 -30.06 -12.87 27.81
CA THR C 53 -29.50 -12.22 26.65
C THR C 53 -28.33 -11.29 26.95
N VAL C 54 -28.53 -10.38 27.90
CA VAL C 54 -27.46 -9.45 28.24
C VAL C 54 -26.25 -10.17 28.83
N THR C 55 -26.50 -11.17 29.68
CA THR C 55 -25.42 -11.93 30.31
C THR C 55 -24.54 -12.64 29.28
N ASN C 56 -25.16 -13.14 28.22
CA ASN C 56 -24.42 -13.82 27.17
C ASN C 56 -23.56 -12.80 26.44
N ASN C 57 -24.19 -11.72 26.01
CA ASN C 57 -23.48 -10.67 25.29
C ASN C 57 -22.30 -10.17 26.08
N LEU C 58 -22.38 -10.29 27.41
CA LEU C 58 -21.30 -9.84 28.27
C LEU C 58 -20.15 -10.85 28.27
N LYS C 59 -20.46 -12.13 28.33
CA LYS C 59 -19.41 -13.15 28.33
C LYS C 59 -18.71 -13.08 26.99
N SER C 60 -19.49 -12.76 25.95
CA SER C 60 -18.97 -12.65 24.60
C SER C 60 -17.94 -11.53 24.52
N LEU C 61 -18.14 -10.47 25.29
CA LEU C 61 -17.20 -9.36 25.27
C LEU C 61 -16.00 -9.61 26.15
N GLU C 62 -16.20 -10.20 27.32
CA GLU C 62 -15.08 -10.48 28.20
C GLU C 62 -14.09 -11.32 27.42
N ALA C 63 -14.62 -12.19 26.57
CA ALA C 63 -13.81 -13.07 25.75
C ALA C 63 -13.09 -12.28 24.64
N GLN C 64 -13.76 -11.30 24.07
CA GLN C 64 -13.21 -10.47 23.00
C GLN C 64 -12.14 -9.53 23.56
N ALA C 65 -12.33 -9.14 24.82
CA ALA C 65 -11.40 -8.24 25.47
C ALA C 65 -10.12 -9.03 25.73
N GLU C 66 -10.30 -10.29 26.10
CA GLU C 66 -9.19 -11.18 26.38
C GLU C 66 -8.26 -11.22 25.17
N LYS C 67 -8.85 -11.46 24.00
CA LYS C 67 -8.07 -11.53 22.77
C LYS C 67 -7.51 -10.18 22.37
N TYR C 68 -8.25 -9.10 22.66
CA TYR C 68 -7.79 -7.76 22.34
C TYR C 68 -6.50 -7.51 23.09
N SER C 69 -6.52 -7.85 24.37
CA SER C 69 -5.35 -7.68 25.22
C SER C 69 -4.15 -8.45 24.69
N GLN C 70 -4.37 -9.70 24.28
CA GLN C 70 -3.30 -10.53 23.75
C GLN C 70 -2.60 -9.88 22.56
N LYS C 71 -3.38 -9.51 21.55
CA LYS C 71 -2.81 -8.87 20.37
C LYS C 71 -1.87 -7.77 20.84
N GLU C 72 -2.41 -6.87 21.67
CA GLU C 72 -1.67 -5.75 22.21
C GLU C 72 -0.22 -6.14 22.54
N ASP C 73 -0.04 -7.36 23.04
CA ASP C 73 1.30 -7.84 23.37
C ASP C 73 2.09 -8.16 22.11
N LYS C 74 1.49 -8.96 21.23
CA LYS C 74 2.13 -9.34 19.99
C LYS C 74 2.49 -8.08 19.22
N TYR C 75 1.61 -7.08 19.28
CA TYR C 75 1.81 -5.83 18.57
C TYR C 75 3.06 -5.12 19.05
N GLU C 76 3.17 -4.96 20.36
CA GLU C 76 4.34 -4.29 20.90
C GLU C 76 5.60 -5.14 20.74
N GLU C 77 5.43 -6.45 20.60
CA GLU C 77 6.58 -7.34 20.39
C GLU C 77 7.05 -7.14 18.94
N GLU C 78 6.11 -6.82 18.07
CA GLU C 78 6.39 -6.60 16.65
C GLU C 78 7.11 -5.29 16.45
N ILE C 79 6.59 -4.24 17.10
CA ILE C 79 7.17 -2.91 17.00
C ILE C 79 8.59 -2.91 17.52
N LYS C 80 8.83 -3.65 18.60
CA LYS C 80 10.16 -3.72 19.16
C LYS C 80 11.16 -4.25 18.15
N VAL C 81 10.84 -5.40 17.55
CA VAL C 81 11.71 -6.02 16.57
C VAL C 81 12.01 -5.11 15.37
N LEU C 82 10.98 -4.43 14.87
CA LEU C 82 11.19 -3.54 13.73
C LEU C 82 12.10 -2.40 14.15
N SER C 83 11.84 -1.84 15.33
CA SER C 83 12.66 -0.75 15.87
C SER C 83 14.13 -1.16 15.95
N ASP C 84 14.39 -2.33 16.54
CA ASP C 84 15.74 -2.85 16.67
C ASP C 84 16.39 -3.08 15.30
N LYS C 85 15.61 -3.59 14.34
CA LYS C 85 16.14 -3.81 13.00
C LYS C 85 16.46 -2.48 12.34
N LEU C 86 15.58 -1.51 12.51
CA LEU C 86 15.77 -0.21 11.91
C LEU C 86 17.07 0.44 12.41
N LYS C 87 17.31 0.37 13.72
CA LYS C 87 18.49 0.95 14.33
C LYS C 87 19.73 0.26 13.76
N GLU C 88 19.69 -1.07 13.71
CA GLU C 88 20.80 -1.86 13.20
C GLU C 88 21.17 -1.45 11.79
N ALA C 89 20.17 -1.32 10.93
CA ALA C 89 20.37 -0.96 9.54
C ALA C 89 20.91 0.47 9.38
N GLU C 90 20.39 1.39 10.17
CA GLU C 90 20.86 2.76 10.07
C GLU C 90 22.31 2.84 10.53
N THR C 91 22.70 1.97 11.46
CA THR C 91 24.08 1.99 11.94
C THR C 91 24.99 1.43 10.86
N ARG C 92 24.61 0.29 10.31
CA ARG C 92 25.38 -0.31 9.23
C ARG C 92 25.56 0.73 8.12
N ALA C 93 24.48 1.44 7.78
CA ALA C 93 24.52 2.46 6.73
C ALA C 93 25.49 3.60 7.05
N GLU C 94 25.33 4.19 8.22
CA GLU C 94 26.18 5.28 8.64
C GLU C 94 27.66 4.91 8.58
N PHE C 95 28.02 3.77 9.17
CA PHE C 95 29.43 3.35 9.18
C PHE C 95 30.00 2.93 7.80
N ALA C 96 29.19 2.30 6.98
CA ALA C 96 29.67 1.87 5.66
C ALA C 96 29.96 3.13 4.83
N GLU C 97 29.11 4.13 4.97
CA GLU C 97 29.28 5.35 4.21
C GLU C 97 30.60 6.03 4.56
N ARG C 98 30.94 6.02 5.85
CA ARG C 98 32.22 6.61 6.28
C ARG C 98 33.38 5.78 5.70
N SER C 99 33.18 4.47 5.58
CA SER C 99 34.22 3.65 4.99
C SER C 99 34.44 3.97 3.50
N VAL C 100 33.35 4.21 2.77
CA VAL C 100 33.44 4.53 1.34
C VAL C 100 34.33 5.75 1.16
N THR C 101 34.09 6.78 1.96
CA THR C 101 34.89 8.00 1.83
C THR C 101 36.38 7.72 2.07
N LYS C 102 36.65 6.93 3.10
CA LYS C 102 38.03 6.60 3.43
C LYS C 102 38.72 5.77 2.36
N LEU C 103 38.01 4.73 1.91
CA LEU C 103 38.54 3.84 0.89
C LEU C 103 38.82 4.58 -0.42
N GLU C 104 37.97 5.54 -0.77
CA GLU C 104 38.20 6.30 -1.99
C GLU C 104 39.45 7.15 -1.88
N LYS C 105 39.73 7.63 -0.67
CA LYS C 105 40.92 8.43 -0.43
C LYS C 105 42.11 7.49 -0.64
N SER C 106 42.03 6.29 -0.06
CA SER C 106 43.11 5.32 -0.22
C SER C 106 43.39 5.07 -1.70
N ILE C 107 42.32 4.91 -2.47
CA ILE C 107 42.47 4.69 -3.90
C ILE C 107 43.19 5.88 -4.55
N ASP C 108 42.83 7.11 -4.15
CA ASP C 108 43.50 8.29 -4.71
C ASP C 108 44.99 8.22 -4.44
N ASP C 109 45.35 7.81 -3.22
CA ASP C 109 46.76 7.72 -2.87
C ASP C 109 47.51 6.64 -3.64
N LEU C 110 46.90 5.47 -3.80
CA LEU C 110 47.56 4.39 -4.56
C LEU C 110 47.72 4.81 -6.01
N GLU C 111 46.71 5.48 -6.56
CA GLU C 111 46.79 5.92 -7.95
C GLU C 111 47.91 6.92 -8.09
N ASP C 112 48.02 7.85 -7.15
CA ASP C 112 49.09 8.85 -7.21
C ASP C 112 50.46 8.15 -7.14
N GLU C 113 50.56 7.14 -6.29
CA GLU C 113 51.81 6.41 -6.17
C GLU C 113 52.10 5.62 -7.45
N LEU C 114 51.09 4.98 -8.03
CA LEU C 114 51.30 4.21 -9.25
C LEU C 114 51.69 5.13 -10.41
N TYR C 115 51.04 6.28 -10.49
CA TYR C 115 51.34 7.26 -11.53
C TYR C 115 52.80 7.68 -11.43
N ALA C 116 53.25 8.03 -10.23
CA ALA C 116 54.63 8.43 -10.05
C ALA C 116 55.59 7.31 -10.45
N GLN C 117 55.25 6.08 -10.07
CA GLN C 117 56.09 4.92 -10.42
C GLN C 117 56.22 4.80 -11.94
N LYS C 118 55.10 4.95 -12.64
CA LYS C 118 55.11 4.85 -14.10
C LYS C 118 55.90 5.97 -14.76
N LEU C 119 55.95 7.15 -14.14
CA LEU C 119 56.74 8.26 -14.70
C LEU C 119 58.23 7.94 -14.56
N LYS C 120 58.58 7.30 -13.44
CA LYS C 120 59.97 6.92 -13.17
C LYS C 120 60.41 5.90 -14.23
N TYR C 121 59.57 4.93 -14.48
CA TYR C 121 59.86 3.90 -15.47
C TYR C 121 60.06 4.54 -16.85
N LYS C 122 59.16 5.45 -17.18
CA LYS C 122 59.19 6.16 -18.46
C LYS C 122 60.53 6.82 -18.65
N ALA C 123 60.99 7.48 -17.61
CA ALA C 123 62.27 8.18 -17.63
C ALA C 123 63.50 7.25 -17.74
N ILE C 124 63.52 6.15 -16.98
CA ILE C 124 64.67 5.27 -17.09
C ILE C 124 64.66 4.56 -18.45
N SER C 125 63.47 4.36 -19.01
CA SER C 125 63.31 3.73 -20.31
C SER C 125 63.96 4.59 -21.39
N GLU C 126 63.73 5.90 -21.30
CA GLU C 126 64.29 6.86 -22.25
C GLU C 126 65.80 6.93 -22.12
N GLU C 127 66.30 6.88 -20.88
CA GLU C 127 67.73 6.89 -20.63
C GLU C 127 68.36 5.65 -21.29
N MET C 128 67.73 4.51 -21.10
CA MET C 128 68.21 3.26 -21.69
C MET C 128 68.28 3.38 -23.21
N LYS C 129 67.27 4.00 -23.80
CA LYS C 129 67.21 4.18 -25.24
C LYS C 129 68.41 5.01 -25.72
N GLN C 130 68.77 6.02 -24.95
CA GLN C 130 69.92 6.85 -25.29
C GLN C 130 71.21 6.04 -25.21
N LEU C 131 71.31 5.17 -24.21
CA LEU C 131 72.50 4.34 -24.02
C LEU C 131 72.63 3.30 -25.13
N GLU C 132 71.49 2.78 -25.59
CA GLU C 132 71.47 1.79 -26.66
C GLU C 132 71.95 2.47 -27.94
N ASP C 133 71.50 3.69 -28.17
CA ASP C 133 71.92 4.45 -29.33
C ASP C 133 73.43 4.67 -29.29
N LYS C 134 73.96 4.95 -28.10
CA LYS C 134 75.39 5.19 -27.94
C LYS C 134 76.18 3.91 -28.25
N VAL C 135 75.69 2.78 -27.75
CA VAL C 135 76.33 1.48 -27.98
C VAL C 135 76.44 1.25 -29.50
N GLU C 136 75.31 1.40 -30.18
CA GLU C 136 75.24 1.22 -31.61
C GLU C 136 76.23 2.15 -32.32
N GLU C 137 76.33 3.38 -31.84
CA GLU C 137 77.25 4.35 -32.43
C GLU C 137 78.72 3.95 -32.28
N LEU C 138 79.09 3.44 -31.10
CA LEU C 138 80.46 3.05 -30.85
C LEU C 138 80.85 1.77 -31.61
N LEU C 139 79.94 0.80 -31.68
CA LEU C 139 80.23 -0.42 -32.43
C LEU C 139 80.55 -0.03 -33.87
N SER C 140 79.76 0.88 -34.41
CA SER C 140 79.97 1.32 -35.78
C SER C 140 81.32 2.01 -35.91
N LYS C 141 81.58 3.02 -35.07
CA LYS C 141 82.87 3.71 -35.10
C LYS C 141 84.06 2.77 -34.95
N ASN C 142 84.00 1.87 -33.97
CA ASN C 142 85.10 0.92 -33.74
C ASN C 142 85.30 -0.03 -34.93
N TYR C 143 84.21 -0.42 -35.58
CA TYR C 143 84.27 -1.30 -36.76
C TYR C 143 85.11 -0.61 -37.82
N HIS C 144 84.79 0.66 -38.09
CA HIS C 144 85.51 1.40 -39.12
C HIS C 144 86.94 1.80 -38.73
N LEU C 145 87.17 2.13 -37.46
CA LEU C 145 88.53 2.46 -37.04
C LEU C 145 89.44 1.23 -37.21
N GLU C 146 88.87 0.05 -36.93
CA GLU C 146 89.64 -1.16 -37.08
C GLU C 146 90.04 -1.34 -38.56
N ASN C 147 89.10 -1.11 -39.48
CA ASN C 147 89.40 -1.23 -40.90
C ASN C 147 90.42 -0.17 -41.33
N GLU C 148 90.35 1.00 -40.71
CA GLU C 148 91.28 2.08 -41.05
C GLU C 148 92.69 1.71 -40.59
N VAL C 149 92.82 1.15 -39.38
CA VAL C 149 94.13 0.74 -38.90
C VAL C 149 94.78 -0.28 -39.86
N ALA C 150 93.99 -1.25 -40.32
CA ALA C 150 94.47 -2.27 -41.26
C ALA C 150 94.84 -1.63 -42.60
N ARG C 151 94.03 -0.69 -43.07
CA ARG C 151 94.33 -0.02 -44.34
C ARG C 151 95.64 0.75 -44.27
N LEU C 152 95.82 1.52 -43.20
CA LEU C 152 97.05 2.30 -43.06
C LEU C 152 98.28 1.40 -43.11
N LYS C 153 98.17 0.21 -42.54
CA LYS C 153 99.31 -0.71 -42.54
C LYS C 153 99.67 -1.25 -43.93
N LYS C 154 98.76 -1.14 -44.90
CA LYS C 154 99.03 -1.62 -46.26
C LYS C 154 99.70 -0.54 -47.12
N LEU C 155 99.77 0.67 -46.59
CA LEU C 155 100.39 1.79 -47.31
C LEU C 155 101.92 1.68 -47.37
N MET D 2 -97.00 -19.63 63.70
CA MET D 2 -97.18 -20.50 62.51
C MET D 2 -95.92 -21.29 62.19
N LYS D 3 -96.10 -22.53 61.72
CA LYS D 3 -94.98 -23.38 61.36
C LYS D 3 -94.37 -22.87 60.05
N GLN D 4 -95.10 -22.01 59.35
CA GLN D 4 -94.60 -21.46 58.10
C GLN D 4 -93.45 -20.52 58.46
N LEU D 5 -93.64 -19.73 59.52
CA LEU D 5 -92.62 -18.80 59.98
C LEU D 5 -91.36 -19.55 60.35
N GLU D 6 -91.52 -20.68 61.05
CA GLU D 6 -90.37 -21.48 61.46
C GLU D 6 -89.53 -21.90 60.25
N ASP D 7 -90.21 -22.57 59.31
CA ASP D 7 -89.60 -23.06 58.09
C ASP D 7 -88.83 -22.00 57.32
N LYS D 8 -89.44 -20.82 57.16
CA LYS D 8 -88.80 -19.73 56.43
C LYS D 8 -87.53 -19.31 57.15
N VAL D 9 -87.61 -19.23 58.48
CA VAL D 9 -86.45 -18.89 59.27
C VAL D 9 -85.38 -19.97 59.08
N GLU D 10 -85.77 -21.23 59.26
CA GLU D 10 -84.85 -22.36 59.11
C GLU D 10 -84.12 -22.34 57.76
N GLU D 11 -84.83 -21.90 56.74
CA GLU D 11 -84.27 -21.80 55.39
C GLU D 11 -83.21 -20.70 55.38
N LEU D 12 -83.54 -19.58 56.02
CA LEU D 12 -82.65 -18.44 56.07
C LEU D 12 -81.41 -18.67 56.88
N LEU D 13 -81.54 -19.38 58.00
CA LEU D 13 -80.41 -19.69 58.88
C LEU D 13 -79.39 -20.57 58.15
N SER D 14 -79.89 -21.59 57.46
CA SER D 14 -79.04 -22.50 56.68
C SER D 14 -78.29 -21.70 55.61
N LYS D 15 -79.01 -20.84 54.89
CA LYS D 15 -78.39 -20.02 53.86
C LYS D 15 -77.35 -19.09 54.47
N ASN D 16 -77.68 -18.55 55.64
CA ASN D 16 -76.81 -17.64 56.39
C ASN D 16 -75.52 -18.35 56.77
N TYR D 17 -75.66 -19.59 57.20
CA TYR D 17 -74.54 -20.44 57.59
C TYR D 17 -73.52 -20.58 56.47
N HIS D 18 -73.96 -21.03 55.29
CA HIS D 18 -73.07 -21.20 54.16
C HIS D 18 -72.45 -19.87 53.70
N LEU D 19 -73.21 -18.79 53.76
CA LEU D 19 -72.66 -17.50 53.34
C LEU D 19 -71.53 -17.09 54.28
N GLU D 20 -71.72 -17.31 55.57
CA GLU D 20 -70.68 -16.96 56.52
C GLU D 20 -69.41 -17.75 56.23
N ASN D 21 -69.55 -19.05 55.97
CA ASN D 21 -68.41 -19.90 55.65
C ASN D 21 -67.73 -19.44 54.35
N GLU D 22 -68.52 -18.98 53.39
CA GLU D 22 -67.95 -18.54 52.11
C GLU D 22 -67.13 -17.26 52.33
N VAL D 23 -67.66 -16.33 53.13
CA VAL D 23 -66.92 -15.11 53.43
C VAL D 23 -65.59 -15.49 54.13
N ALA D 24 -65.65 -16.37 55.11
CA ALA D 24 -64.44 -16.76 55.82
C ALA D 24 -63.41 -17.38 54.86
N ARG D 25 -63.87 -18.25 53.97
CA ARG D 25 -62.98 -18.90 53.02
C ARG D 25 -62.36 -17.88 52.04
N LEU D 26 -63.18 -16.97 51.52
CA LEU D 26 -62.67 -15.98 50.58
C LEU D 26 -61.63 -15.05 51.23
N LYS D 27 -61.83 -14.68 52.49
CA LYS D 27 -60.86 -13.82 53.16
C LYS D 27 -59.50 -14.47 53.18
N LYS D 28 -59.46 -15.79 53.41
CA LYS D 28 -58.20 -16.52 53.47
C LYS D 28 -57.54 -16.63 52.09
N LEU D 29 -58.34 -16.84 51.04
CA LEU D 29 -57.81 -16.91 49.68
C LEU D 29 -57.26 -15.54 49.30
N LEU D 30 -57.99 -14.51 49.71
CA LEU D 30 -57.58 -13.15 49.39
C LEU D 30 -56.27 -12.87 50.11
N GLU D 31 -56.17 -13.30 51.36
CA GLU D 31 -54.95 -13.07 52.12
C GLU D 31 -53.77 -13.66 51.37
N ARG D 32 -53.92 -14.90 50.89
CA ARG D 32 -52.83 -15.55 50.16
C ARG D 32 -52.54 -14.88 48.81
N ALA D 33 -53.58 -14.56 48.05
CA ALA D 33 -53.37 -13.90 46.76
C ALA D 33 -52.64 -12.55 46.93
N GLU D 34 -52.93 -11.85 48.01
CA GLU D 34 -52.24 -10.58 48.21
C GLU D 34 -50.77 -10.84 48.53
N GLU D 35 -50.51 -11.86 49.34
CA GLU D 35 -49.12 -12.19 49.67
C GLU D 35 -48.35 -12.54 48.40
N ARG D 36 -48.99 -13.34 47.53
CA ARG D 36 -48.40 -13.76 46.26
C ARG D 36 -48.05 -12.57 45.37
N ALA D 37 -48.98 -11.62 45.29
CA ALA D 37 -48.75 -10.42 44.49
C ALA D 37 -47.56 -9.63 45.04
N GLU D 38 -47.53 -9.47 46.36
CA GLU D 38 -46.43 -8.74 46.99
C GLU D 38 -45.09 -9.40 46.63
N LEU D 39 -44.96 -10.69 46.91
CA LEU D 39 -43.74 -11.41 46.60
C LEU D 39 -43.38 -11.26 45.13
N SER D 40 -44.34 -11.49 44.25
CA SER D 40 -44.04 -11.37 42.84
C SER D 40 -43.57 -9.97 42.47
N GLU D 41 -44.22 -8.92 43.00
CA GLU D 41 -43.80 -7.57 42.68
C GLU D 41 -42.40 -7.30 43.21
N GLY D 42 -42.06 -7.94 44.34
CA GLY D 42 -40.73 -7.77 44.91
C GLY D 42 -39.67 -8.39 44.02
N LYS D 43 -39.99 -9.55 43.44
CA LYS D 43 -39.05 -10.23 42.55
C LYS D 43 -38.80 -9.43 41.27
N SER D 44 -39.87 -8.91 40.68
CA SER D 44 -39.78 -8.10 39.46
C SER D 44 -38.86 -6.92 39.72
N ALA D 45 -39.04 -6.26 40.87
CA ALA D 45 -38.17 -5.13 41.20
C ALA D 45 -36.70 -5.54 41.33
N GLU D 46 -36.43 -6.74 41.86
CA GLU D 46 -35.06 -7.19 41.99
C GLU D 46 -34.42 -7.53 40.65
N LEU D 47 -35.23 -8.11 39.77
CA LEU D 47 -34.75 -8.49 38.46
C LEU D 47 -34.49 -7.25 37.64
N GLU D 48 -35.33 -6.24 37.83
CA GLU D 48 -35.21 -4.98 37.10
C GLU D 48 -33.87 -4.34 37.44
N GLU D 49 -33.57 -4.28 38.73
CA GLU D 49 -32.31 -3.71 39.18
C GLU D 49 -31.11 -4.54 38.70
N GLU D 50 -31.25 -5.87 38.67
CA GLU D 50 -30.14 -6.71 38.21
C GLU D 50 -29.86 -6.40 36.73
N LEU D 51 -30.91 -6.37 35.92
CA LEU D 51 -30.77 -6.08 34.50
C LEU D 51 -30.08 -4.73 34.29
N LYS D 52 -30.41 -3.78 35.17
CA LYS D 52 -29.81 -2.45 35.11
C LYS D 52 -28.30 -2.55 35.28
N THR D 53 -27.89 -3.28 36.31
CA THR D 53 -26.48 -3.47 36.63
C THR D 53 -25.72 -4.16 35.51
N VAL D 54 -26.27 -5.26 35.00
CA VAL D 54 -25.61 -6.01 33.94
C VAL D 54 -25.54 -5.14 32.68
N THR D 55 -26.59 -4.36 32.45
CA THR D 55 -26.63 -3.48 31.30
C THR D 55 -25.55 -2.39 31.38
N ASN D 56 -25.37 -1.83 32.57
CA ASN D 56 -24.34 -0.82 32.72
C ASN D 56 -22.97 -1.43 32.47
N ASN D 57 -22.81 -2.70 32.83
CA ASN D 57 -21.52 -3.37 32.62
C ASN D 57 -21.30 -3.66 31.14
N LEU D 58 -22.32 -4.17 30.49
CA LEU D 58 -22.23 -4.48 29.07
C LEU D 58 -21.77 -3.22 28.38
N LYS D 59 -22.46 -2.13 28.67
CA LYS D 59 -22.14 -0.83 28.09
C LYS D 59 -20.71 -0.43 28.38
N SER D 60 -20.24 -0.76 29.57
CA SER D 60 -18.87 -0.44 29.98
C SER D 60 -17.83 -1.24 29.18
N LEU D 61 -18.15 -2.48 28.84
CA LEU D 61 -17.23 -3.32 28.07
C LEU D 61 -17.26 -2.90 26.61
N GLU D 62 -18.42 -2.39 26.18
CA GLU D 62 -18.60 -1.92 24.81
C GLU D 62 -17.69 -0.74 24.62
N ALA D 63 -17.61 0.12 25.64
CA ALA D 63 -16.77 1.30 25.61
C ALA D 63 -15.31 0.87 25.47
N GLN D 64 -14.92 -0.10 26.28
CA GLN D 64 -13.57 -0.66 26.25
C GLN D 64 -13.21 -1.16 24.86
N ALA D 65 -14.05 -2.05 24.34
CA ALA D 65 -13.85 -2.65 23.04
C ALA D 65 -13.56 -1.56 22.02
N GLU D 66 -14.16 -0.40 22.23
CA GLU D 66 -13.97 0.73 21.34
C GLU D 66 -12.55 1.28 21.43
N LYS D 67 -12.05 1.42 22.65
CA LYS D 67 -10.70 1.92 22.85
C LYS D 67 -9.70 0.92 22.27
N TYR D 68 -9.99 -0.37 22.41
CA TYR D 68 -9.10 -1.39 21.89
C TYR D 68 -9.08 -1.33 20.36
N SER D 69 -10.25 -1.19 19.75
CA SER D 69 -10.33 -1.12 18.30
C SER D 69 -9.63 0.12 17.76
N GLN D 70 -9.71 1.21 18.52
CA GLN D 70 -9.09 2.47 18.16
C GLN D 70 -7.57 2.36 18.26
N LYS D 71 -7.11 1.80 19.37
CA LYS D 71 -5.68 1.59 19.60
C LYS D 71 -5.12 0.60 18.59
N GLU D 72 -5.88 -0.44 18.29
CA GLU D 72 -5.44 -1.47 17.35
C GLU D 72 -5.06 -0.84 16.01
N ASP D 73 -5.77 0.20 15.61
CA ASP D 73 -5.49 0.88 14.35
C ASP D 73 -4.20 1.70 14.43
N LYS D 74 -3.88 2.17 15.64
CA LYS D 74 -2.67 2.96 15.85
C LYS D 74 -1.43 2.06 15.79
N TYR D 75 -1.46 0.95 16.52
CA TYR D 75 -0.34 0.00 16.49
C TYR D 75 -0.10 -0.43 15.05
N GLU D 76 -1.20 -0.69 14.35
CA GLU D 76 -1.18 -1.13 12.96
C GLU D 76 -0.46 -0.12 12.04
N GLU D 77 -0.80 1.15 12.18
CA GLU D 77 -0.17 2.18 11.35
C GLU D 77 1.29 2.39 11.75
N GLU D 78 1.58 2.31 13.04
CA GLU D 78 2.96 2.47 13.52
C GLU D 78 3.86 1.40 12.89
N ILE D 79 3.29 0.21 12.69
CA ILE D 79 4.01 -0.91 12.07
C ILE D 79 4.32 -0.56 10.61
N LYS D 80 3.30 -0.09 9.89
CA LYS D 80 3.48 0.27 8.49
C LYS D 80 4.53 1.36 8.36
N VAL D 81 4.56 2.26 9.35
CA VAL D 81 5.51 3.36 9.33
C VAL D 81 6.92 2.82 9.52
N LEU D 82 7.12 2.00 10.54
CA LEU D 82 8.42 1.42 10.79
C LEU D 82 8.90 0.52 9.66
N SER D 83 7.96 -0.21 9.04
CA SER D 83 8.29 -1.11 7.94
C SER D 83 8.83 -0.36 6.75
N ASP D 84 8.17 0.73 6.40
CA ASP D 84 8.61 1.55 5.30
C ASP D 84 10.00 2.10 5.58
N LYS D 85 10.24 2.57 6.79
CA LYS D 85 11.56 3.08 7.16
C LYS D 85 12.61 1.99 7.13
N LEU D 86 12.24 0.80 7.60
CA LEU D 86 13.22 -0.29 7.61
C LEU D 86 13.62 -0.62 6.17
N LYS D 87 12.66 -0.71 5.26
CA LYS D 87 12.97 -1.01 3.87
C LYS D 87 13.97 -0.01 3.33
N GLU D 88 13.74 1.28 3.60
CA GLU D 88 14.64 2.32 3.12
C GLU D 88 16.04 2.21 3.73
N ALA D 89 16.10 1.94 5.03
CA ALA D 89 17.38 1.81 5.69
C ALA D 89 18.19 0.62 5.16
N GLU D 90 17.54 -0.53 5.01
CA GLU D 90 18.21 -1.73 4.52
C GLU D 90 18.78 -1.50 3.11
N THR D 91 18.01 -0.83 2.28
CA THR D 91 18.42 -0.54 0.91
C THR D 91 19.68 0.34 0.93
N ARG D 92 19.66 1.40 1.73
CA ARG D 92 20.84 2.27 1.82
C ARG D 92 22.04 1.56 2.44
N ALA D 93 21.78 0.69 3.41
CA ALA D 93 22.83 -0.09 4.08
C ALA D 93 23.51 -0.99 3.06
N GLU D 94 22.69 -1.80 2.39
CA GLU D 94 23.12 -2.74 1.37
C GLU D 94 23.94 -2.03 0.30
N PHE D 95 23.45 -0.88 -0.15
CA PHE D 95 24.15 -0.12 -1.19
C PHE D 95 25.57 0.29 -0.75
N ALA D 96 25.69 0.87 0.44
CA ALA D 96 26.98 1.31 0.96
C ALA D 96 27.92 0.11 1.18
N GLU D 97 27.41 -0.96 1.76
CA GLU D 97 28.26 -2.14 2.00
C GLU D 97 28.74 -2.75 0.66
N ARG D 98 27.87 -2.77 -0.36
CA ARG D 98 28.27 -3.32 -1.65
C ARG D 98 29.34 -2.40 -2.27
N SER D 99 29.22 -1.10 -2.00
CA SER D 99 30.19 -0.12 -2.50
C SER D 99 31.54 -0.39 -1.84
N VAL D 100 31.52 -0.70 -0.54
CA VAL D 100 32.76 -0.98 0.18
C VAL D 100 33.47 -2.18 -0.48
N THR D 101 32.75 -3.27 -0.68
CA THR D 101 33.34 -4.44 -1.30
C THR D 101 33.99 -4.10 -2.66
N LYS D 102 33.34 -3.22 -3.41
CA LYS D 102 33.86 -2.81 -4.71
C LYS D 102 35.19 -2.07 -4.56
N LEU D 103 35.24 -1.15 -3.60
CA LEU D 103 36.44 -0.36 -3.36
C LEU D 103 37.61 -1.19 -2.83
N GLU D 104 37.31 -2.18 -1.99
CA GLU D 104 38.35 -3.04 -1.44
C GLU D 104 38.93 -3.86 -2.57
N LYS D 105 38.06 -4.30 -3.47
CA LYS D 105 38.52 -5.08 -4.61
C LYS D 105 39.42 -4.18 -5.50
N SER D 106 39.09 -2.89 -5.60
CA SER D 106 39.91 -1.98 -6.42
C SER D 106 41.28 -1.74 -5.81
N ILE D 107 41.31 -1.69 -4.47
CA ILE D 107 42.54 -1.45 -3.74
C ILE D 107 43.47 -2.64 -3.92
N ASP D 108 42.90 -3.83 -3.84
CA ASP D 108 43.63 -5.08 -4.02
C ASP D 108 44.25 -5.12 -5.44
N ASP D 109 43.50 -4.64 -6.44
CA ASP D 109 44.00 -4.62 -7.81
C ASP D 109 45.11 -3.63 -7.98
N LEU D 110 45.00 -2.48 -7.30
CA LEU D 110 46.04 -1.45 -7.38
C LEU D 110 47.32 -1.91 -6.67
N GLU D 111 47.17 -2.61 -5.54
CA GLU D 111 48.32 -3.13 -4.81
C GLU D 111 49.10 -4.08 -5.73
N ASP D 112 48.39 -5.00 -6.39
CA ASP D 112 49.00 -5.93 -7.32
C ASP D 112 49.74 -5.20 -8.43
N GLU D 113 49.10 -4.17 -8.99
CA GLU D 113 49.74 -3.40 -10.05
C GLU D 113 51.03 -2.71 -9.60
N LEU D 114 51.03 -2.14 -8.39
CA LEU D 114 52.22 -1.47 -7.89
C LEU D 114 53.36 -2.49 -7.72
N TYR D 115 53.02 -3.67 -7.20
CA TYR D 115 53.99 -4.73 -7.00
C TYR D 115 54.62 -5.10 -8.34
N ALA D 116 53.78 -5.43 -9.32
CA ALA D 116 54.28 -5.79 -10.66
C ALA D 116 55.10 -4.65 -11.27
N GLN D 117 54.67 -3.42 -11.02
CA GLN D 117 55.37 -2.25 -11.55
C GLN D 117 56.77 -2.08 -10.94
N LYS D 118 56.93 -2.39 -9.65
CA LYS D 118 58.25 -2.27 -9.03
C LYS D 118 59.19 -3.38 -9.55
N LEU D 119 58.63 -4.53 -9.86
CA LEU D 119 59.44 -5.61 -10.41
C LEU D 119 59.93 -5.16 -11.79
N LYS D 120 59.06 -4.49 -12.57
CA LYS D 120 59.49 -4.06 -13.89
C LYS D 120 60.62 -3.06 -13.77
N TYR D 121 60.50 -2.15 -12.80
CA TYR D 121 61.53 -1.16 -12.59
C TYR D 121 62.87 -1.80 -12.17
N LYS D 122 62.82 -2.85 -11.33
CA LYS D 122 64.05 -3.53 -10.91
C LYS D 122 64.70 -4.16 -12.15
N ALA D 123 63.90 -4.81 -12.96
CA ALA D 123 64.37 -5.47 -14.18
C ALA D 123 65.06 -4.50 -15.14
N ILE D 124 64.45 -3.35 -15.38
CA ILE D 124 65.06 -2.41 -16.31
C ILE D 124 66.31 -1.78 -15.68
N SER D 125 66.28 -1.56 -14.37
CA SER D 125 67.44 -1.00 -13.67
C SER D 125 68.65 -1.92 -13.85
N GLU D 126 68.40 -3.22 -13.83
CA GLU D 126 69.49 -4.20 -13.99
C GLU D 126 70.06 -4.17 -15.40
N GLU D 127 69.18 -4.19 -16.39
CA GLU D 127 69.60 -4.13 -17.80
C GLU D 127 70.39 -2.83 -17.97
N MET D 128 69.94 -1.79 -17.30
CA MET D 128 70.61 -0.51 -17.35
C MET D 128 72.09 -0.62 -16.93
N LYS D 129 72.35 -1.30 -15.80
CA LYS D 129 73.72 -1.47 -15.34
C LYS D 129 74.60 -2.21 -16.33
N GLN D 130 74.06 -3.25 -16.96
CA GLN D 130 74.82 -4.01 -17.93
C GLN D 130 75.13 -3.13 -19.14
N LEU D 131 74.20 -2.26 -19.50
CA LEU D 131 74.38 -1.38 -20.64
C LEU D 131 75.49 -0.37 -20.37
N GLU D 132 75.46 0.21 -19.18
CA GLU D 132 76.46 1.22 -18.83
C GLU D 132 77.85 0.59 -18.86
N ASP D 133 77.93 -0.67 -18.43
CA ASP D 133 79.20 -1.39 -18.43
C ASP D 133 79.67 -1.60 -19.87
N LYS D 134 78.73 -1.93 -20.77
CA LYS D 134 79.09 -2.13 -22.16
C LYS D 134 79.58 -0.82 -22.79
N VAL D 135 78.91 0.29 -22.48
CA VAL D 135 79.29 1.59 -23.02
C VAL D 135 80.71 1.95 -22.56
N GLU D 136 80.99 1.71 -21.28
CA GLU D 136 82.31 1.98 -20.74
C GLU D 136 83.36 1.18 -21.51
N GLU D 137 83.07 -0.09 -21.76
CA GLU D 137 83.98 -0.96 -22.47
C GLU D 137 84.22 -0.51 -23.92
N LEU D 138 83.15 -0.13 -24.61
CA LEU D 138 83.31 0.33 -25.99
C LEU D 138 84.05 1.66 -26.08
N LEU D 139 83.80 2.56 -25.12
CA LEU D 139 84.50 3.86 -25.12
C LEU D 139 86.00 3.64 -24.98
N SER D 140 86.37 2.63 -24.20
CA SER D 140 87.79 2.33 -23.99
C SER D 140 88.37 1.83 -25.32
N LYS D 141 87.71 0.82 -25.89
CA LYS D 141 88.14 0.24 -27.15
C LYS D 141 88.29 1.37 -28.19
N ASN D 142 87.28 2.25 -28.26
CA ASN D 142 87.29 3.36 -29.20
C ASN D 142 88.48 4.27 -28.97
N TYR D 143 88.77 4.55 -27.70
CA TYR D 143 89.89 5.42 -27.33
C TYR D 143 91.21 4.88 -27.85
N HIS D 144 91.48 3.62 -27.61
CA HIS D 144 92.73 3.02 -28.05
C HIS D 144 92.85 2.92 -29.58
N LEU D 145 91.74 2.59 -30.23
CA LEU D 145 91.78 2.49 -31.68
C LEU D 145 92.10 3.86 -32.23
N GLU D 146 91.50 4.89 -31.63
CA GLU D 146 91.75 6.25 -32.09
C GLU D 146 93.24 6.61 -31.93
N ASN D 147 93.83 6.19 -30.82
CA ASN D 147 95.25 6.48 -30.59
C ASN D 147 96.11 5.73 -31.60
N GLU D 148 95.73 4.49 -31.93
CA GLU D 148 96.50 3.72 -32.90
C GLU D 148 96.48 4.42 -34.26
N VAL D 149 95.30 4.78 -34.75
CA VAL D 149 95.19 5.48 -36.04
C VAL D 149 96.10 6.72 -36.10
N ALA D 150 96.03 7.56 -35.07
CA ALA D 150 96.86 8.78 -35.01
C ALA D 150 98.33 8.42 -35.06
N ARG D 151 98.69 7.38 -34.31
CA ARG D 151 100.06 6.90 -34.25
C ARG D 151 100.58 6.43 -35.62
N LEU D 152 99.82 5.58 -36.30
CA LEU D 152 100.21 5.08 -37.62
C LEU D 152 100.45 6.23 -38.58
N LYS D 153 99.59 7.25 -38.52
CA LYS D 153 99.73 8.40 -39.39
C LYS D 153 100.98 9.22 -39.07
N LYS D 154 101.67 8.86 -37.99
CA LYS D 154 102.89 9.57 -37.59
C LYS D 154 104.13 8.69 -37.70
N LEU D 155 104.29 8.06 -38.86
CA LEU D 155 105.45 7.20 -39.09
C LEU D 155 106.41 7.75 -40.15
#